data_8XYJ
#
_entry.id   8XYJ
#
_cell.length_a   1.00
_cell.length_b   1.00
_cell.length_c   1.00
_cell.angle_alpha   90.00
_cell.angle_beta   90.00
_cell.angle_gamma   90.00
#
_symmetry.space_group_name_H-M   'P 1'
#
loop_
_entity.id
_entity.type
_entity.pdbx_description
1 polymer 'Y+L amino acid transporter 1'
2 non-polymer LYSINE
#
_entity_poly.entity_id   1
_entity_poly.type   'polypeptide(L)'
_entity_poly.pdbx_seq_one_letter_code
;DYKDDDDKSGPDEVDASGRVDSTEYEVASQPEVETSPLGDGASPGPEQVKLKKEISLLNGVCLIVGNMIGSGIFVSPKGV
LIYSASFGLSLVIWAVGGLFSVFGALCYAELGTTIKKSGASYAYILEAFGGFLAFIRLWTSLLIIEPTSQAIIAITFANY
MVQPLFPSCFAPYAASRLLAAACICLLTFINCAYVKWGTLVQDIFTYAKVLALIAVIVAGIVRLGQGASTHFENSFEGSS
FAVGDIALALYSALFSYSGWDTLNYVTEEIKNPERNLPLSIGISMPIVTIIYILTNVAYYTVLDMRDILASDAVAVTFAD
QIFGIFNWIIPLSVALSCFGGLNASIVAASRLFFVGSREGHLPDAICMIHVERFTPVPSLLFNGIMALIYLCVEDIFQLI
NYYSFSYWFFVGLSIVGQLYLRWKEPDRPRPLKLSVFFPIVFCLCTIFLVAVPLYSDTINSLIGIAIALSGLPFYFLIIR
VPEHKRPLYLRRIVGSATRYLQVLCMSVAAEMDLEDGGEMPKQRDPKSN
;
_entity_poly.pdbx_strand_id   A
#
# COMPACT_ATOMS: atom_id res chain seq x y z
N GLU A 47 -19.91 -22.92 -11.73
CA GLU A 47 -20.93 -21.89 -11.78
C GLU A 47 -21.25 -21.40 -10.37
N GLN A 48 -21.00 -22.26 -9.38
CA GLN A 48 -21.25 -21.91 -7.99
C GLN A 48 -20.59 -20.59 -7.66
N VAL A 49 -21.18 -19.85 -6.72
CA VAL A 49 -20.68 -18.53 -6.38
C VAL A 49 -19.29 -18.68 -5.77
N LYS A 50 -18.28 -18.32 -6.54
CA LYS A 50 -16.89 -18.36 -6.12
C LYS A 50 -16.18 -17.20 -6.78
N LEU A 51 -15.30 -16.56 -6.03
CA LEU A 51 -14.56 -15.46 -6.63
C LEU A 51 -13.62 -15.92 -7.72
N LYS A 52 -14.09 -15.97 -8.97
CA LYS A 52 -13.31 -16.46 -10.10
C LYS A 52 -11.94 -15.81 -10.16
N LYS A 53 -10.95 -16.49 -10.72
CA LYS A 53 -9.57 -16.05 -10.58
C LYS A 53 -9.28 -14.79 -11.40
N GLU A 54 -9.21 -14.89 -12.72
CA GLU A 54 -9.12 -13.75 -13.63
C GLU A 54 -8.20 -12.61 -13.18
N ILE A 55 -7.10 -12.90 -12.48
CA ILE A 55 -6.00 -11.95 -12.31
C ILE A 55 -4.74 -12.61 -12.88
N SER A 56 -4.35 -12.20 -14.07
CA SER A 56 -3.26 -12.85 -14.77
C SER A 56 -1.92 -12.42 -14.17
N LEU A 57 -0.84 -12.66 -14.92
CA LEU A 57 0.46 -12.17 -14.51
C LEU A 57 0.55 -10.67 -14.68
N LEU A 58 -0.02 -10.14 -15.76
CA LEU A 58 0.05 -8.72 -15.99
C LEU A 58 -0.76 -7.95 -14.96
N ASN A 59 -1.98 -8.42 -14.68
CA ASN A 59 -2.75 -7.81 -13.61
C ASN A 59 -2.13 -8.08 -12.25
N GLY A 60 -1.19 -9.02 -12.17
CA GLY A 60 -0.45 -9.16 -10.94
C GLY A 60 0.62 -8.11 -10.80
N VAL A 61 1.44 -7.93 -11.84
CA VAL A 61 2.47 -6.91 -11.83
C VAL A 61 1.89 -5.51 -11.72
N CYS A 62 0.65 -5.31 -12.15
CA CYS A 62 0.08 -3.98 -12.09
C CYS A 62 -0.55 -3.68 -10.74
N LEU A 63 -0.91 -4.68 -9.97
CA LEU A 63 -1.40 -4.40 -8.63
C LEU A 63 -0.25 -4.03 -7.70
N ILE A 64 0.88 -4.69 -7.90
CA ILE A 64 2.05 -4.42 -7.05
C ILE A 64 2.71 -3.12 -7.46
N VAL A 65 3.11 -2.99 -8.73
CA VAL A 65 3.74 -1.77 -9.20
C VAL A 65 2.79 -0.59 -9.01
N GLY A 66 1.55 -0.75 -9.42
CA GLY A 66 0.57 0.30 -9.22
C GLY A 66 0.57 0.75 -7.77
N ASN A 67 0.07 -0.10 -6.89
CA ASN A 67 -0.02 0.24 -5.47
C ASN A 67 1.28 0.82 -4.93
N MET A 68 2.42 0.28 -5.35
CA MET A 68 3.69 0.74 -4.81
C MET A 68 4.04 2.17 -5.21
N ILE A 69 4.36 2.38 -6.49
CA ILE A 69 4.78 3.71 -6.91
C ILE A 69 3.58 4.63 -7.03
N GLY A 70 3.15 5.19 -5.90
CA GLY A 70 2.05 6.12 -5.93
C GLY A 70 2.28 7.33 -5.06
N SER A 71 2.36 8.52 -5.68
CA SER A 71 2.56 9.78 -4.97
C SER A 71 3.64 9.68 -3.89
N GLY A 72 4.61 8.80 -4.12
CA GLY A 72 5.73 8.67 -3.22
C GLY A 72 6.97 9.34 -3.79
N ILE A 73 7.27 9.09 -5.05
CA ILE A 73 8.41 9.72 -5.70
C ILE A 73 7.91 10.91 -6.50
N PHE A 74 6.60 11.09 -6.50
CA PHE A 74 6.01 12.21 -7.21
C PHE A 74 6.06 13.39 -6.26
N VAL A 75 5.68 13.17 -5.02
CA VAL A 75 5.62 14.29 -4.09
C VAL A 75 6.62 14.15 -2.95
N SER A 76 7.38 15.20 -2.69
CA SER A 76 8.36 15.18 -1.61
C SER A 76 8.95 13.81 -1.29
N PRO A 77 9.64 13.19 -2.25
CA PRO A 77 10.30 11.92 -1.93
C PRO A 77 11.64 12.15 -1.26
N LYS A 78 11.89 13.38 -0.80
CA LYS A 78 13.17 13.71 -0.21
C LYS A 78 13.30 13.30 1.25
N GLY A 79 12.35 12.51 1.75
CA GLY A 79 12.51 12.04 3.12
C GLY A 79 13.80 11.29 3.33
N VAL A 80 14.42 10.80 2.25
CA VAL A 80 15.67 10.09 2.33
C VAL A 80 16.81 11.02 1.93
N LEU A 81 16.46 12.25 1.60
CA LEU A 81 17.45 13.27 1.30
C LEU A 81 17.65 14.26 2.43
N ILE A 82 16.60 14.52 3.21
CA ILE A 82 16.75 15.36 4.39
C ILE A 82 17.77 14.75 5.35
N TYR A 83 17.73 13.43 5.51
CA TYR A 83 18.59 12.77 6.48
C TYR A 83 19.92 12.32 5.89
N SER A 84 19.95 11.94 4.62
CA SER A 84 21.20 11.59 3.95
C SER A 84 21.61 12.77 3.08
N ALA A 85 22.18 13.78 3.72
CA ALA A 85 22.32 15.09 3.09
C ALA A 85 23.36 15.09 1.97
N SER A 86 23.12 14.26 0.96
CA SER A 86 23.92 14.27 -0.25
C SER A 86 23.26 13.38 -1.28
N PHE A 87 23.53 13.66 -2.55
CA PHE A 87 22.93 12.87 -3.61
C PHE A 87 23.46 11.45 -3.60
N GLY A 88 24.78 11.28 -3.48
CA GLY A 88 25.34 9.94 -3.57
C GLY A 88 24.82 9.03 -2.49
N LEU A 89 24.84 9.49 -1.24
CA LEU A 89 24.30 8.70 -0.15
C LEU A 89 22.79 8.51 -0.30
N SER A 90 22.10 9.49 -0.86
CA SER A 90 20.67 9.34 -1.11
C SER A 90 20.40 8.19 -2.06
N LEU A 91 21.13 8.13 -3.16
CA LEU A 91 20.89 7.05 -4.12
C LEU A 91 21.35 5.71 -3.56
N VAL A 92 22.42 5.70 -2.78
CA VAL A 92 22.84 4.46 -2.14
C VAL A 92 21.76 3.96 -1.19
N ILE A 93 21.09 4.87 -0.48
CA ILE A 93 20.07 4.43 0.45
C ILE A 93 18.78 4.07 -0.28
N TRP A 94 18.52 4.68 -1.43
CA TRP A 94 17.41 4.20 -2.25
C TRP A 94 17.65 2.76 -2.69
N ALA A 95 18.84 2.48 -3.19
CA ALA A 95 19.15 1.12 -3.63
C ALA A 95 19.10 0.14 -2.47
N VAL A 96 19.58 0.54 -1.29
CA VAL A 96 19.60 -0.38 -0.16
C VAL A 96 18.20 -0.62 0.38
N GLY A 97 17.39 0.43 0.50
CA GLY A 97 16.01 0.23 0.87
C GLY A 97 15.27 -0.65 -0.13
N GLY A 98 15.60 -0.51 -1.41
CA GLY A 98 15.00 -1.37 -2.41
C GLY A 98 15.40 -2.82 -2.26
N LEU A 99 16.67 -3.06 -1.94
CA LEU A 99 17.11 -4.44 -1.68
C LEU A 99 16.38 -5.04 -0.49
N PHE A 100 16.21 -4.27 0.58
CA PHE A 100 15.57 -4.84 1.76
C PHE A 100 14.07 -5.02 1.55
N SER A 101 13.45 -4.14 0.77
CA SER A 101 12.07 -4.40 0.40
C SER A 101 11.95 -5.61 -0.51
N VAL A 102 12.97 -5.88 -1.33
CA VAL A 102 12.96 -7.12 -2.11
C VAL A 102 13.03 -8.33 -1.21
N PHE A 103 13.84 -8.26 -0.15
CA PHE A 103 13.88 -9.38 0.78
C PHE A 103 12.52 -9.61 1.42
N GLY A 104 11.86 -8.52 1.81
CA GLY A 104 10.51 -8.66 2.33
C GLY A 104 9.52 -9.21 1.33
N ALA A 105 9.63 -8.79 0.08
CA ALA A 105 8.68 -9.25 -0.93
C ALA A 105 8.92 -10.71 -1.28
N LEU A 106 10.17 -11.17 -1.24
CA LEU A 106 10.42 -12.59 -1.42
C LEU A 106 9.88 -13.40 -0.27
N CYS A 107 10.02 -12.89 0.95
CA CYS A 107 9.38 -13.53 2.09
C CYS A 107 7.89 -13.68 1.83
N TYR A 108 7.24 -12.65 1.33
CA TYR A 108 5.80 -12.73 1.11
C TYR A 108 5.44 -13.59 -0.11
N ALA A 109 6.31 -13.69 -1.10
CA ALA A 109 6.07 -14.62 -2.18
C ALA A 109 6.07 -16.04 -1.66
N GLU A 110 7.08 -16.39 -0.87
CA GLU A 110 7.09 -17.70 -0.23
C GLU A 110 5.87 -17.91 0.64
N LEU A 111 5.48 -16.88 1.40
CA LEU A 111 4.33 -17.01 2.30
C LEU A 111 3.04 -17.21 1.53
N GLY A 112 2.85 -16.48 0.44
CA GLY A 112 1.60 -16.55 -0.30
C GLY A 112 1.51 -17.79 -1.15
N THR A 113 2.64 -18.35 -1.56
CA THR A 113 2.61 -19.63 -2.25
C THR A 113 2.49 -20.78 -1.26
N THR A 114 2.94 -20.59 -0.03
CA THR A 114 2.73 -21.59 1.02
C THR A 114 1.28 -21.63 1.46
N ILE A 115 0.70 -20.46 1.72
CA ILE A 115 -0.63 -20.39 2.32
C ILE A 115 -1.72 -20.55 1.28
N LYS A 116 -1.65 -19.76 0.21
CA LYS A 116 -2.66 -19.73 -0.85
C LYS A 116 -4.02 -19.26 -0.34
N LYS A 117 -4.05 -18.45 0.70
CA LYS A 117 -5.27 -17.84 1.18
C LYS A 117 -5.12 -16.32 1.14
N SER A 118 -6.16 -15.64 0.68
CA SER A 118 -6.07 -14.20 0.56
C SER A 118 -6.15 -13.56 1.93
N GLY A 119 -5.65 -12.33 2.02
CA GLY A 119 -5.58 -11.60 3.27
C GLY A 119 -4.23 -10.97 3.52
N ALA A 120 -3.14 -11.68 3.25
CA ALA A 120 -1.81 -11.14 3.03
C ALA A 120 -1.10 -10.63 4.27
N SER A 121 -1.82 -10.41 5.34
CA SER A 121 -1.22 -10.30 6.65
C SER A 121 -2.13 -10.92 7.67
N TYR A 122 -3.35 -11.22 7.24
CA TYR A 122 -4.41 -11.74 8.05
C TYR A 122 -4.63 -13.22 7.81
N ALA A 123 -4.17 -13.74 6.69
CA ALA A 123 -4.15 -15.18 6.49
C ALA A 123 -2.83 -15.79 6.92
N TYR A 124 -1.80 -14.97 7.15
CA TYR A 124 -0.51 -15.45 7.56
C TYR A 124 -0.30 -15.35 9.06
N ILE A 125 -1.05 -14.47 9.73
CA ILE A 125 -1.14 -14.45 11.18
C ILE A 125 -2.19 -15.41 11.71
N LEU A 126 -3.22 -15.68 10.93
CA LEU A 126 -4.29 -16.57 11.35
C LEU A 126 -3.94 -18.04 11.21
N GLU A 127 -3.09 -18.42 10.27
CA GLU A 127 -2.68 -19.81 10.12
C GLU A 127 -1.34 -20.11 10.75
N ALA A 128 -0.60 -19.10 11.21
CA ALA A 128 0.62 -19.32 11.97
C ALA A 128 0.38 -19.16 13.46
N PHE A 129 0.00 -17.97 13.89
CA PHE A 129 -0.54 -17.76 15.22
C PHE A 129 -2.02 -18.05 15.14
N GLY A 130 -2.83 -17.44 15.98
CA GLY A 130 -4.24 -17.77 15.97
C GLY A 130 -5.12 -16.57 16.24
N GLY A 131 -6.16 -16.44 15.44
CA GLY A 131 -7.32 -15.69 15.85
C GLY A 131 -7.02 -14.29 16.32
N PHE A 132 -6.95 -14.15 17.65
CA PHE A 132 -6.76 -12.90 18.36
C PHE A 132 -5.77 -11.97 17.67
N LEU A 133 -4.56 -12.44 17.36
CA LEU A 133 -3.60 -11.58 16.66
C LEU A 133 -4.08 -11.26 15.26
N ALA A 134 -4.58 -12.27 14.54
CA ALA A 134 -5.18 -12.00 13.25
C ALA A 134 -6.34 -11.04 13.39
N PHE A 135 -7.09 -11.16 14.48
CA PHE A 135 -8.25 -10.31 14.69
C PHE A 135 -7.87 -8.85 14.79
N ILE A 136 -6.94 -8.56 15.68
CA ILE A 136 -6.44 -7.20 15.81
C ILE A 136 -5.49 -6.82 14.72
N ARG A 137 -5.67 -7.34 13.50
CA ARG A 137 -4.87 -6.98 12.34
C ARG A 137 -5.86 -6.64 11.36
N LEU A 138 -7.08 -7.05 11.56
CA LEU A 138 -8.13 -6.76 10.68
C LEU A 138 -8.73 -5.69 11.39
N TRP A 139 -8.65 -5.63 12.69
CA TRP A 139 -9.35 -4.50 13.29
C TRP A 139 -8.57 -3.22 13.13
N THR A 140 -7.25 -3.28 13.25
CA THR A 140 -6.44 -2.11 12.97
C THR A 140 -6.60 -1.70 11.51
N SER A 141 -6.68 -2.67 10.60
CA SER A 141 -6.87 -2.32 9.20
C SER A 141 -8.29 -1.83 8.96
N LEU A 142 -9.21 -2.17 9.84
CA LEU A 142 -10.61 -1.79 9.65
C LEU A 142 -10.88 -0.37 10.09
N LEU A 143 -10.28 0.08 11.17
CA LEU A 143 -10.58 1.39 11.70
C LEU A 143 -9.64 2.45 11.16
N ILE A 144 -8.35 2.15 11.13
CA ILE A 144 -7.39 3.23 10.98
C ILE A 144 -6.50 3.11 9.75
N ILE A 145 -6.18 1.90 9.30
CA ILE A 145 -5.14 1.70 8.30
C ILE A 145 -5.69 1.83 6.88
N GLU A 146 -6.72 1.06 6.56
CA GLU A 146 -7.18 1.07 5.18
C GLU A 146 -8.10 2.25 4.88
N PRO A 147 -9.07 2.58 5.73
CA PRO A 147 -9.80 3.82 5.49
C PRO A 147 -8.91 5.03 5.38
N THR A 148 -7.95 5.20 6.28
CA THR A 148 -7.10 6.38 6.22
C THR A 148 -6.27 6.41 4.96
N SER A 149 -5.65 5.29 4.59
CA SER A 149 -4.82 5.31 3.40
C SER A 149 -5.63 5.59 2.15
N GLN A 150 -6.84 5.04 2.06
CA GLN A 150 -7.66 5.30 0.89
C GLN A 150 -8.15 6.74 0.87
N ALA A 151 -8.54 7.28 2.03
CA ALA A 151 -8.97 8.67 2.06
C ALA A 151 -7.82 9.60 1.71
N ILE A 152 -6.61 9.28 2.15
CA ILE A 152 -5.47 10.14 1.87
C ILE A 152 -5.09 10.08 0.41
N ILE A 153 -5.17 8.89 -0.20
CA ILE A 153 -4.89 8.81 -1.63
C ILE A 153 -5.97 9.53 -2.42
N ALA A 154 -7.21 9.49 -1.94
CA ALA A 154 -8.26 10.20 -2.65
C ALA A 154 -8.04 11.70 -2.57
N ILE A 155 -7.73 12.21 -1.37
CA ILE A 155 -7.47 13.63 -1.21
C ILE A 155 -6.27 14.06 -2.03
N THR A 156 -5.22 13.25 -2.06
CA THR A 156 -4.03 13.58 -2.84
C THR A 156 -4.26 13.44 -4.34
N PHE A 157 -5.23 12.67 -4.77
CA PHE A 157 -5.67 12.67 -6.17
C PHE A 157 -6.44 13.92 -6.50
N ALA A 158 -7.34 14.33 -5.63
CA ALA A 158 -8.09 15.56 -5.84
C ALA A 158 -7.16 16.76 -5.92
N ASN A 159 -6.22 16.84 -4.98
CA ASN A 159 -5.29 17.96 -4.93
C ASN A 159 -4.55 18.14 -6.24
N TYR A 160 -3.99 17.06 -6.78
CA TYR A 160 -3.17 17.20 -7.96
C TYR A 160 -3.96 17.08 -9.25
N MET A 161 -5.25 16.75 -9.18
CA MET A 161 -6.11 17.04 -10.31
C MET A 161 -6.35 18.53 -10.41
N VAL A 162 -6.68 19.17 -9.28
CA VAL A 162 -7.01 20.58 -9.29
C VAL A 162 -5.77 21.43 -9.51
N GLN A 163 -4.60 20.92 -9.10
CA GLN A 163 -3.42 21.77 -8.92
C GLN A 163 -3.08 22.65 -10.11
N PRO A 164 -3.03 22.17 -11.36
CA PRO A 164 -2.69 23.09 -12.46
C PRO A 164 -3.58 24.31 -12.53
N LEU A 165 -4.74 24.28 -11.89
CA LEU A 165 -5.57 25.47 -11.81
C LEU A 165 -5.09 26.39 -10.70
N PHE A 166 -4.62 25.81 -9.59
CA PHE A 166 -4.16 26.57 -8.42
C PHE A 166 -2.70 26.26 -8.16
N PRO A 167 -1.80 26.74 -9.03
CA PRO A 167 -0.38 26.38 -8.84
C PRO A 167 0.24 26.99 -7.60
N SER A 168 -0.14 28.22 -7.29
CA SER A 168 0.37 28.87 -6.08
C SER A 168 -0.71 28.83 -5.02
N CYS A 169 -1.93 29.20 -5.39
CA CYS A 169 -3.03 29.18 -4.44
C CYS A 169 -3.33 27.75 -4.01
N PHE A 170 -3.72 27.58 -2.75
CA PHE A 170 -4.06 26.25 -2.25
C PHE A 170 -5.47 25.88 -2.67
N ALA A 171 -5.66 24.65 -3.12
CA ALA A 171 -6.96 24.23 -3.58
C ALA A 171 -7.96 24.27 -2.42
N PRO A 172 -9.20 24.63 -2.69
CA PRO A 172 -10.17 24.77 -1.60
C PRO A 172 -10.43 23.44 -0.92
N TYR A 173 -10.98 23.54 0.28
CA TYR A 173 -11.34 22.35 1.05
C TYR A 173 -12.67 21.76 0.62
N ALA A 174 -13.54 22.55 0.00
CA ALA A 174 -14.79 22.02 -0.53
C ALA A 174 -14.56 21.04 -1.66
N ALA A 175 -14.02 21.50 -2.77
CA ALA A 175 -13.42 20.57 -3.72
C ALA A 175 -12.21 19.98 -3.02
N SER A 176 -11.53 19.03 -3.66
CA SER A 176 -10.40 18.35 -3.05
C SER A 176 -10.84 17.56 -1.83
N ARG A 177 -12.14 17.56 -1.53
CA ARG A 177 -12.73 16.54 -0.69
C ARG A 177 -13.94 15.94 -1.39
N LEU A 178 -14.66 16.77 -2.14
CA LEU A 178 -15.74 16.28 -2.97
C LEU A 178 -15.21 15.56 -4.21
N LEU A 179 -14.12 16.05 -4.78
CA LEU A 179 -13.43 15.27 -5.82
C LEU A 179 -12.88 13.97 -5.25
N ALA A 180 -12.43 13.98 -4.00
CA ALA A 180 -11.97 12.75 -3.39
C ALA A 180 -13.10 11.75 -3.20
N ALA A 181 -14.25 12.22 -2.70
CA ALA A 181 -15.39 11.32 -2.53
C ALA A 181 -15.90 10.82 -3.87
N ALA A 182 -15.88 11.66 -4.91
CA ALA A 182 -16.22 11.19 -6.24
C ALA A 182 -15.27 10.11 -6.70
N CYS A 183 -13.98 10.26 -6.41
CA CYS A 183 -13.01 9.25 -6.81
C CYS A 183 -13.24 7.94 -6.06
N ILE A 184 -13.45 8.01 -4.75
CA ILE A 184 -13.69 6.80 -3.96
C ILE A 184 -14.93 6.08 -4.46
N CYS A 185 -16.02 6.82 -4.68
CA CYS A 185 -17.25 6.19 -5.11
C CYS A 185 -17.12 5.61 -6.50
N LEU A 186 -16.39 6.28 -7.39
CA LEU A 186 -16.22 5.74 -8.73
C LEU A 186 -15.41 4.45 -8.70
N LEU A 187 -14.38 4.38 -7.84
CA LEU A 187 -13.56 3.18 -7.81
C LEU A 187 -14.28 2.04 -7.11
N THR A 188 -15.03 2.34 -6.04
CA THR A 188 -15.87 1.32 -5.44
C THR A 188 -16.87 0.77 -6.43
N PHE A 189 -17.48 1.64 -7.24
CA PHE A 189 -18.43 1.11 -8.21
C PHE A 189 -17.74 0.31 -9.30
N ILE A 190 -16.59 0.76 -9.78
CA ILE A 190 -15.93 0.04 -10.85
C ILE A 190 -15.49 -1.34 -10.37
N ASN A 191 -15.07 -1.45 -9.11
CA ASN A 191 -14.66 -2.74 -8.57
C ASN A 191 -15.87 -3.58 -8.16
N CYS A 192 -16.99 -2.93 -7.91
CA CYS A 192 -18.18 -3.63 -7.47
C CYS A 192 -18.94 -4.21 -8.65
N ALA A 193 -18.84 -3.58 -9.81
CA ALA A 193 -19.55 -4.11 -10.96
C ALA A 193 -18.87 -5.36 -11.48
N TYR A 194 -17.66 -5.24 -12.01
CA TYR A 194 -16.94 -6.37 -12.59
C TYR A 194 -15.48 -6.29 -12.16
N VAL A 195 -14.95 -7.37 -11.59
CA VAL A 195 -13.58 -7.30 -11.13
C VAL A 195 -12.62 -7.23 -12.30
N LYS A 196 -13.05 -7.69 -13.48
CA LYS A 196 -12.23 -7.50 -14.65
C LYS A 196 -12.09 -6.01 -14.98
N TRP A 197 -13.15 -5.24 -14.73
CA TRP A 197 -13.06 -3.80 -14.86
C TRP A 197 -12.03 -3.23 -13.90
N GLY A 198 -12.00 -3.76 -12.67
CA GLY A 198 -11.07 -3.25 -11.68
C GLY A 198 -9.63 -3.53 -12.03
N THR A 199 -9.35 -4.74 -12.49
CA THR A 199 -7.99 -5.02 -12.95
C THR A 199 -7.68 -4.21 -14.19
N LEU A 200 -8.68 -3.90 -15.01
CA LEU A 200 -8.44 -3.06 -16.18
C LEU A 200 -8.06 -1.64 -15.80
N VAL A 201 -8.80 -1.05 -14.86
CA VAL A 201 -8.47 0.28 -14.37
C VAL A 201 -7.07 0.28 -13.79
N GLN A 202 -6.76 -0.71 -12.96
CA GLN A 202 -5.44 -0.78 -12.36
C GLN A 202 -4.36 -0.85 -13.42
N ASP A 203 -4.58 -1.68 -14.43
CA ASP A 203 -3.65 -1.83 -15.55
C ASP A 203 -3.41 -0.51 -16.26
N ILE A 204 -4.49 0.17 -16.60
CA ILE A 204 -4.38 1.42 -17.35
C ILE A 204 -3.60 2.45 -16.56
N PHE A 205 -3.95 2.63 -15.28
CA PHE A 205 -3.32 3.71 -14.56
C PHE A 205 -1.92 3.34 -14.07
N THR A 206 -1.60 2.06 -13.96
CA THR A 206 -0.20 1.70 -13.73
C THR A 206 0.62 1.94 -14.98
N TYR A 207 0.04 1.70 -16.15
CA TYR A 207 0.71 2.07 -17.39
C TYR A 207 0.97 3.57 -17.42
N ALA A 208 0.01 4.37 -16.96
CA ALA A 208 0.21 5.81 -16.88
C ALA A 208 1.33 6.18 -15.91
N LYS A 209 1.34 5.59 -14.71
CA LYS A 209 2.43 5.80 -13.77
C LYS A 209 3.77 5.55 -14.41
N VAL A 210 3.95 4.36 -14.97
CA VAL A 210 5.25 3.97 -15.47
C VAL A 210 5.64 4.84 -16.66
N LEU A 211 4.66 5.27 -17.46
CA LEU A 211 4.97 6.18 -18.56
C LEU A 211 5.48 7.52 -18.03
N ALA A 212 4.81 8.07 -17.02
CA ALA A 212 5.23 9.37 -16.50
C ALA A 212 6.60 9.29 -15.85
N LEU A 213 6.84 8.24 -15.08
CA LEU A 213 8.13 8.11 -14.42
C LEU A 213 9.23 7.81 -15.43
N ILE A 214 8.91 7.10 -16.51
CA ILE A 214 9.86 6.95 -17.60
C ILE A 214 10.13 8.29 -18.25
N ALA A 215 9.10 9.13 -18.33
CA ALA A 215 9.30 10.48 -18.88
C ALA A 215 10.29 11.26 -18.06
N VAL A 216 10.12 11.29 -16.74
CA VAL A 216 11.04 12.07 -15.92
C VAL A 216 12.42 11.42 -15.90
N ILE A 217 12.49 10.09 -15.96
CA ILE A 217 13.80 9.43 -15.99
C ILE A 217 14.52 9.77 -17.27
N VAL A 218 13.81 9.78 -18.39
CA VAL A 218 14.41 10.11 -19.68
C VAL A 218 14.88 11.56 -19.68
N ALA A 219 14.07 12.46 -19.11
CA ALA A 219 14.49 13.85 -18.99
C ALA A 219 15.78 13.96 -18.19
N GLY A 220 15.87 13.19 -17.11
CA GLY A 220 17.09 13.22 -16.31
C GLY A 220 18.30 12.70 -17.06
N ILE A 221 18.14 11.59 -17.77
CA ILE A 221 19.27 11.04 -18.51
C ILE A 221 19.69 11.98 -19.63
N VAL A 222 18.72 12.65 -20.27
CA VAL A 222 19.05 13.63 -21.29
C VAL A 222 19.85 14.77 -20.69
N ARG A 223 19.31 15.40 -19.64
CA ARG A 223 20.00 16.50 -18.99
C ARG A 223 21.34 16.07 -18.40
N LEU A 224 21.57 14.77 -18.22
CA LEU A 224 22.87 14.29 -17.77
C LEU A 224 23.84 14.06 -18.92
N GLY A 225 23.34 13.63 -20.08
CA GLY A 225 24.23 13.33 -21.19
C GLY A 225 24.73 14.58 -21.90
N GLN A 226 23.83 15.54 -22.13
CA GLN A 226 24.23 16.78 -22.78
C GLN A 226 25.21 17.57 -21.94
N GLY A 227 25.16 17.38 -20.62
CA GLY A 227 26.00 18.12 -19.71
C GLY A 227 25.32 18.23 -18.37
N ALA A 228 25.26 19.46 -17.84
CA ALA A 228 24.48 19.78 -16.64
C ALA A 228 24.74 18.78 -15.51
N SER A 229 25.96 18.25 -15.47
CA SER A 229 26.35 17.26 -14.48
C SER A 229 27.03 17.89 -13.28
N THR A 230 26.67 19.13 -12.93
CA THR A 230 27.28 19.77 -11.78
C THR A 230 26.83 19.11 -10.48
N HIS A 231 25.51 18.93 -10.34
CA HIS A 231 24.99 18.34 -9.11
C HIS A 231 25.51 16.92 -8.92
N PHE A 232 25.77 16.23 -10.01
CA PHE A 232 26.08 14.82 -9.98
C PHE A 232 27.58 14.59 -10.18
N GLU A 233 28.10 13.54 -9.52
CA GLU A 233 29.45 13.05 -9.75
C GLU A 233 30.53 14.06 -9.35
N ASN A 234 30.12 15.21 -8.84
CA ASN A 234 31.10 16.20 -8.37
C ASN A 234 30.89 16.43 -6.89
N SER A 235 31.85 15.98 -6.07
CA SER A 235 31.70 15.98 -4.62
C SER A 235 30.39 15.31 -4.23
N PHE A 236 30.06 14.25 -4.97
CA PHE A 236 28.74 13.63 -4.91
C PHE A 236 28.31 13.31 -3.49
N GLU A 237 29.26 13.07 -2.59
CA GLU A 237 28.87 12.52 -1.30
C GLU A 237 29.39 13.32 -0.12
N GLY A 238 29.23 14.65 -0.15
CA GLY A 238 29.46 15.44 1.04
C GLY A 238 28.36 15.18 2.06
N SER A 239 28.27 13.94 2.51
CA SER A 239 27.08 13.39 3.13
C SER A 239 27.09 13.61 4.64
N SER A 240 26.21 12.88 5.33
CA SER A 240 26.01 13.03 6.76
C SER A 240 26.00 11.67 7.43
N PHE A 241 27.01 10.84 7.15
CA PHE A 241 27.14 9.54 7.79
C PHE A 241 26.98 9.66 9.30
N ALA A 242 25.92 9.05 9.82
CA ALA A 242 25.62 9.10 11.24
C ALA A 242 24.55 8.07 11.52
N VAL A 243 24.68 7.37 12.64
CA VAL A 243 23.75 6.29 12.94
C VAL A 243 22.32 6.79 12.94
N GLY A 244 22.09 7.97 13.53
CA GLY A 244 20.76 8.54 13.51
C GLY A 244 20.29 8.89 12.12
N ASP A 245 21.13 9.60 11.36
CA ASP A 245 20.73 10.04 10.02
C ASP A 245 20.64 8.88 9.05
N ILE A 246 21.60 7.95 9.10
CA ILE A 246 21.54 6.79 8.22
C ILE A 246 20.37 5.90 8.57
N ALA A 247 20.09 5.70 9.86
CA ALA A 247 18.93 4.92 10.25
C ALA A 247 17.65 5.57 9.76
N LEU A 248 17.52 6.88 9.92
CA LEU A 248 16.28 7.53 9.51
C LEU A 248 16.13 7.58 8.00
N ALA A 249 17.23 7.68 7.26
CA ALA A 249 17.12 7.61 5.82
C ALA A 249 16.73 6.22 5.35
N LEU A 250 17.29 5.18 5.97
CA LEU A 250 16.88 3.83 5.63
C LEU A 250 15.42 3.60 5.96
N TYR A 251 14.97 4.14 7.09
CA TYR A 251 13.56 4.04 7.46
C TYR A 251 12.68 4.72 6.41
N SER A 252 13.08 5.89 5.94
CA SER A 252 12.26 6.60 4.97
C SER A 252 12.24 5.87 3.64
N ALA A 253 13.34 5.25 3.24
CA ALA A 253 13.34 4.49 2.00
C ALA A 253 12.45 3.24 2.11
N LEU A 254 12.69 2.42 3.13
CA LEU A 254 11.90 1.21 3.33
C LEU A 254 10.42 1.53 3.52
N PHE A 255 10.13 2.73 3.99
CA PHE A 255 8.75 3.19 4.08
C PHE A 255 8.23 3.60 2.71
N SER A 256 9.09 3.86 1.77
CA SER A 256 8.61 4.36 0.50
C SER A 256 8.31 3.32 -0.53
N TYR A 257 8.65 2.07 -0.24
CA TYR A 257 8.45 0.99 -1.20
C TYR A 257 7.29 0.11 -0.78
N SER A 258 6.53 0.54 0.21
CA SER A 258 5.42 -0.28 0.70
C SER A 258 4.43 -0.65 -0.38
N GLY A 259 3.66 -1.70 -0.16
CA GLY A 259 2.70 -2.15 -1.15
C GLY A 259 3.14 -3.40 -1.86
N TRP A 260 4.36 -3.86 -1.59
CA TRP A 260 4.83 -5.05 -2.20
C TRP A 260 3.97 -6.22 -1.79
N ASP A 261 3.19 -6.07 -0.74
CA ASP A 261 2.32 -7.13 -0.28
C ASP A 261 0.90 -6.85 -0.70
N THR A 262 0.73 -6.14 -1.80
CA THR A 262 -0.63 -5.87 -2.27
C THR A 262 -1.18 -7.03 -3.06
N LEU A 263 -0.35 -7.69 -3.85
CA LEU A 263 -0.87 -8.84 -4.56
C LEU A 263 -1.25 -9.96 -3.64
N ASN A 264 -0.64 -10.05 -2.47
CA ASN A 264 -1.00 -11.13 -1.58
C ASN A 264 -2.38 -10.95 -0.97
N TYR A 265 -2.96 -9.75 -1.04
CA TYR A 265 -4.32 -9.58 -0.54
C TYR A 265 -5.31 -10.31 -1.41
N VAL A 266 -5.13 -10.24 -2.72
CA VAL A 266 -5.97 -10.95 -3.66
C VAL A 266 -5.15 -12.12 -4.21
N THR A 267 -5.14 -13.22 -3.46
CA THR A 267 -4.34 -14.36 -3.88
C THR A 267 -5.16 -15.64 -3.99
N GLU A 268 -6.42 -15.62 -3.61
CA GLU A 268 -7.36 -16.64 -4.00
C GLU A 268 -7.96 -16.37 -5.36
N GLU A 269 -7.54 -15.29 -6.01
CA GLU A 269 -8.06 -14.89 -7.31
C GLU A 269 -6.94 -14.65 -8.29
N ILE A 270 -5.91 -15.48 -8.28
CA ILE A 270 -4.83 -15.40 -9.25
C ILE A 270 -4.83 -16.71 -10.02
N LYS A 271 -4.61 -16.62 -11.33
CA LYS A 271 -4.49 -17.84 -12.11
C LYS A 271 -3.23 -18.59 -11.73
N ASN A 272 -3.40 -19.84 -11.29
CA ASN A 272 -2.36 -20.70 -10.70
C ASN A 272 -1.44 -19.89 -9.81
N PRO A 273 -1.86 -19.54 -8.60
CA PRO A 273 -1.05 -18.66 -7.75
C PRO A 273 0.36 -19.14 -7.56
N GLU A 274 0.59 -20.46 -7.54
CA GLU A 274 1.93 -20.98 -7.28
C GLU A 274 2.96 -20.36 -8.20
N ARG A 275 2.58 -20.07 -9.45
CA ARG A 275 3.53 -19.49 -10.38
C ARG A 275 3.35 -17.98 -10.49
N ASN A 276 2.11 -17.51 -10.52
CA ASN A 276 1.86 -16.12 -10.88
C ASN A 276 2.05 -15.18 -9.70
N LEU A 277 2.05 -15.72 -8.47
CA LEU A 277 2.30 -14.85 -7.32
C LEU A 277 3.78 -14.57 -7.09
N PRO A 278 4.66 -15.58 -6.99
CA PRO A 278 6.08 -15.25 -6.89
C PRO A 278 6.65 -14.60 -8.13
N LEU A 279 6.24 -15.03 -9.32
CA LEU A 279 6.75 -14.41 -10.54
C LEU A 279 6.31 -12.96 -10.65
N SER A 280 5.06 -12.66 -10.32
CA SER A 280 4.61 -11.28 -10.41
C SER A 280 5.31 -10.41 -9.38
N ILE A 281 5.49 -10.92 -8.16
CA ILE A 281 6.22 -10.14 -7.16
C ILE A 281 7.67 -9.93 -7.60
N GLY A 282 8.30 -10.97 -8.16
CA GLY A 282 9.70 -10.85 -8.51
C GLY A 282 9.92 -10.08 -9.80
N ILE A 283 8.86 -9.86 -10.56
CA ILE A 283 8.98 -8.98 -11.72
C ILE A 283 8.64 -7.56 -11.33
N SER A 284 7.79 -7.38 -10.32
CA SER A 284 7.40 -6.04 -9.92
C SER A 284 8.47 -5.37 -9.07
N MET A 285 9.14 -6.12 -8.20
CA MET A 285 10.06 -5.46 -7.26
C MET A 285 11.28 -4.85 -7.93
N PRO A 286 12.00 -5.52 -8.82
CA PRO A 286 13.08 -4.81 -9.52
C PRO A 286 12.59 -3.68 -10.40
N ILE A 287 11.42 -3.81 -11.02
CA ILE A 287 10.87 -2.71 -11.80
C ILE A 287 10.70 -1.47 -10.93
N VAL A 288 10.16 -1.64 -9.73
CA VAL A 288 9.90 -0.47 -8.91
C VAL A 288 11.18 0.07 -8.30
N THR A 289 12.10 -0.79 -7.90
CA THR A 289 13.37 -0.28 -7.40
C THR A 289 14.12 0.51 -8.48
N ILE A 290 14.13 -0.01 -9.71
CA ILE A 290 14.80 0.69 -10.80
C ILE A 290 14.10 2.01 -11.10
N ILE A 291 12.77 2.01 -11.11
CA ILE A 291 12.04 3.25 -11.33
C ILE A 291 12.38 4.27 -10.26
N TYR A 292 12.50 3.82 -9.01
CA TYR A 292 12.79 4.76 -7.93
C TYR A 292 14.19 5.37 -8.07
N ILE A 293 15.22 4.53 -8.19
CA ILE A 293 16.56 5.10 -8.21
C ILE A 293 16.79 5.90 -9.49
N LEU A 294 16.13 5.53 -10.58
CA LEU A 294 16.32 6.30 -11.81
C LEU A 294 15.54 7.62 -11.76
N THR A 295 14.34 7.64 -11.20
CA THR A 295 13.66 8.92 -11.12
C THR A 295 14.33 9.84 -10.11
N ASN A 296 14.97 9.29 -9.08
CA ASN A 296 15.73 10.16 -8.20
C ASN A 296 17.01 10.65 -8.86
N VAL A 297 17.63 9.81 -9.68
CA VAL A 297 18.80 10.26 -10.41
C VAL A 297 18.36 11.45 -11.24
N ALA A 298 17.29 11.26 -12.01
CA ALA A 298 16.77 12.34 -12.83
C ALA A 298 16.59 13.60 -12.01
N TYR A 299 15.82 13.50 -10.94
CA TYR A 299 15.57 14.66 -10.09
C TYR A 299 16.87 15.35 -9.75
N TYR A 300 17.81 14.61 -9.17
CA TYR A 300 19.06 15.23 -8.75
C TYR A 300 19.78 15.87 -9.92
N THR A 301 19.71 15.23 -11.09
CA THR A 301 20.36 15.82 -12.26
C THR A 301 19.73 17.16 -12.59
N VAL A 302 18.42 17.29 -12.43
CA VAL A 302 17.77 18.54 -12.79
C VAL A 302 17.72 19.54 -11.64
N LEU A 303 17.10 19.17 -10.53
CA LEU A 303 16.99 20.09 -9.41
C LEU A 303 18.29 20.11 -8.61
N ASP A 304 18.28 20.82 -7.49
CA ASP A 304 19.45 20.95 -6.64
C ASP A 304 19.07 20.63 -5.20
N MET A 305 20.07 20.29 -4.39
CA MET A 305 19.84 19.88 -3.00
C MET A 305 18.98 20.89 -2.24
N ARG A 306 19.00 22.15 -2.65
CA ARG A 306 18.25 23.17 -1.92
C ARG A 306 16.80 23.23 -2.34
N ASP A 307 16.53 23.35 -3.64
CA ASP A 307 15.16 23.48 -4.13
C ASP A 307 14.51 22.13 -4.38
N ILE A 308 15.19 21.04 -4.08
CA ILE A 308 14.56 19.72 -4.06
C ILE A 308 14.02 19.40 -2.69
N LEU A 309 14.59 19.97 -1.65
CA LEU A 309 13.93 20.17 -0.37
C LEU A 309 13.18 21.49 -0.46
N ALA A 310 12.44 21.82 0.59
CA ALA A 310 11.71 23.08 0.65
C ALA A 310 10.86 23.28 -0.61
N SER A 311 10.43 22.18 -1.21
CA SER A 311 9.46 22.19 -2.28
C SER A 311 8.35 21.20 -1.93
N ASP A 312 7.12 21.57 -2.24
CA ASP A 312 5.98 20.77 -1.80
C ASP A 312 5.91 19.44 -2.53
N ALA A 313 5.95 19.47 -3.86
CA ALA A 313 5.86 18.27 -4.66
C ALA A 313 6.99 18.29 -5.69
N VAL A 314 8.07 17.56 -5.41
CA VAL A 314 9.33 17.85 -6.10
C VAL A 314 9.22 17.54 -7.57
N ALA A 315 8.39 16.57 -7.93
CA ALA A 315 8.18 16.33 -9.36
C ALA A 315 7.56 17.55 -10.01
N VAL A 316 6.61 18.19 -9.33
CA VAL A 316 5.95 19.39 -9.85
C VAL A 316 6.90 20.57 -9.77
N THR A 317 8.06 20.38 -9.16
CA THR A 317 9.16 21.31 -9.33
C THR A 317 10.00 20.90 -10.53
N PHE A 318 10.36 19.62 -10.61
CA PHE A 318 11.16 19.12 -11.72
C PHE A 318 10.51 19.51 -13.04
N ALA A 319 9.21 19.26 -13.17
CA ALA A 319 8.49 19.64 -14.37
C ALA A 319 8.71 21.12 -14.70
N ASP A 320 8.50 21.99 -13.71
CA ASP A 320 8.61 23.42 -13.96
C ASP A 320 10.00 23.79 -14.47
N GLN A 321 11.00 22.98 -14.16
CA GLN A 321 12.36 23.29 -14.57
C GLN A 321 12.63 22.83 -15.99
N ILE A 322 11.96 21.78 -16.44
CA ILE A 322 12.26 21.13 -17.71
C ILE A 322 11.13 21.27 -18.70
N PHE A 323 9.96 20.72 -18.39
CA PHE A 323 8.91 20.59 -19.37
C PHE A 323 8.43 21.95 -19.87
N GLY A 324 8.46 22.94 -19.02
CA GLY A 324 8.17 24.32 -19.44
C GLY A 324 6.68 24.52 -19.64
N ILE A 325 6.24 24.61 -20.89
CA ILE A 325 4.84 24.83 -21.17
C ILE A 325 4.03 23.58 -20.80
N PHE A 326 4.65 22.41 -20.84
CA PHE A 326 4.00 21.18 -20.45
C PHE A 326 4.34 20.81 -19.00
N ASN A 327 4.17 21.80 -18.12
CA ASN A 327 4.43 21.57 -16.70
C ASN A 327 3.20 21.05 -15.97
N TRP A 328 2.09 20.87 -16.67
CA TRP A 328 0.88 20.29 -16.09
C TRP A 328 0.84 18.78 -16.23
N ILE A 329 1.67 18.21 -17.10
CA ILE A 329 1.68 16.76 -17.29
C ILE A 329 2.02 16.05 -15.99
N ILE A 330 2.90 16.62 -15.19
CA ILE A 330 3.34 15.93 -13.98
C ILE A 330 2.29 16.00 -12.89
N PRO A 331 1.58 17.11 -12.68
CA PRO A 331 0.43 17.05 -11.78
C PRO A 331 -0.66 16.13 -12.28
N LEU A 332 -0.90 16.10 -13.59
CA LEU A 332 -1.84 15.14 -14.14
C LEU A 332 -1.40 13.71 -13.81
N SER A 333 -0.10 13.44 -13.90
CA SER A 333 0.36 12.07 -13.65
C SER A 333 0.37 11.74 -12.18
N VAL A 334 0.54 12.74 -11.31
CA VAL A 334 0.38 12.45 -9.89
C VAL A 334 -1.07 12.09 -9.60
N ALA A 335 -2.01 12.77 -10.26
CA ALA A 335 -3.41 12.42 -10.06
C ALA A 335 -3.72 11.03 -10.61
N LEU A 336 -3.19 10.69 -11.77
CA LEU A 336 -3.44 9.36 -12.32
C LEU A 336 -2.79 8.28 -11.47
N SER A 337 -1.57 8.52 -10.97
CA SER A 337 -0.92 7.54 -10.14
C SER A 337 -1.64 7.37 -8.82
N CYS A 338 -2.21 8.44 -8.29
CA CYS A 338 -3.04 8.29 -7.10
C CYS A 338 -4.32 7.54 -7.40
N PHE A 339 -4.86 7.67 -8.61
CA PHE A 339 -6.04 6.89 -8.98
C PHE A 339 -5.72 5.40 -9.06
N GLY A 340 -4.61 5.05 -9.69
CA GLY A 340 -4.19 3.65 -9.73
C GLY A 340 -3.93 3.11 -8.34
N GLY A 341 -3.25 3.88 -7.50
CA GLY A 341 -2.98 3.43 -6.14
C GLY A 341 -4.25 3.26 -5.33
N LEU A 342 -5.24 4.12 -5.57
CA LEU A 342 -6.50 3.99 -4.84
C LEU A 342 -7.28 2.77 -5.30
N ASN A 343 -7.27 2.49 -6.60
CA ASN A 343 -7.96 1.29 -7.04
C ASN A 343 -7.32 0.04 -6.48
N ALA A 344 -5.99 0.00 -6.44
CA ALA A 344 -5.33 -1.17 -5.85
C ALA A 344 -5.60 -1.27 -4.36
N SER A 345 -5.63 -0.13 -3.66
CA SER A 345 -5.97 -0.17 -2.25
C SER A 345 -7.39 -0.66 -2.05
N ILE A 346 -8.29 -0.35 -2.97
CA ILE A 346 -9.68 -0.75 -2.81
C ILE A 346 -9.84 -2.23 -3.07
N VAL A 347 -9.19 -2.75 -4.10
CA VAL A 347 -9.21 -4.20 -4.32
C VAL A 347 -8.65 -4.93 -3.11
N ALA A 348 -7.48 -4.51 -2.65
CA ALA A 348 -6.84 -5.21 -1.55
C ALA A 348 -7.64 -5.12 -0.25
N ALA A 349 -8.18 -3.95 0.06
CA ALA A 349 -8.94 -3.81 1.29
C ALA A 349 -10.27 -4.55 1.22
N SER A 350 -10.94 -4.50 0.07
CA SER A 350 -12.18 -5.25 -0.07
C SER A 350 -11.93 -6.73 0.17
N ARG A 351 -10.82 -7.26 -0.36
CA ARG A 351 -10.53 -8.67 -0.15
C ARG A 351 -10.05 -8.98 1.25
N LEU A 352 -9.37 -8.05 1.91
CA LEU A 352 -9.01 -8.27 3.30
C LEU A 352 -10.25 -8.39 4.16
N PHE A 353 -11.21 -7.48 4.00
CA PHE A 353 -12.43 -7.59 4.80
C PHE A 353 -13.25 -8.81 4.42
N PHE A 354 -13.28 -9.15 3.14
CA PHE A 354 -13.98 -10.35 2.70
C PHE A 354 -13.42 -11.58 3.38
N VAL A 355 -12.10 -11.74 3.33
CA VAL A 355 -11.46 -12.88 3.98
C VAL A 355 -11.70 -12.83 5.48
N GLY A 356 -11.64 -11.65 6.08
CA GLY A 356 -11.83 -11.54 7.51
C GLY A 356 -13.19 -12.00 7.94
N SER A 357 -14.22 -11.67 7.17
CA SER A 357 -15.55 -12.14 7.53
C SER A 357 -15.76 -13.60 7.16
N ARG A 358 -15.02 -14.10 6.17
CA ARG A 358 -15.13 -15.53 5.85
C ARG A 358 -14.64 -16.39 7.00
N GLU A 359 -13.71 -15.89 7.80
CA GLU A 359 -13.18 -16.62 8.95
C GLU A 359 -14.02 -16.46 10.19
N GLY A 360 -15.06 -15.64 10.16
CA GLY A 360 -15.93 -15.45 11.30
C GLY A 360 -15.67 -14.20 12.09
N HIS A 361 -14.75 -13.34 11.64
CA HIS A 361 -14.42 -12.15 12.41
C HIS A 361 -15.36 -11.00 12.07
N LEU A 362 -15.43 -10.61 10.82
CA LEU A 362 -16.41 -9.60 10.45
C LEU A 362 -17.75 -10.25 10.16
N PRO A 363 -18.85 -9.51 10.31
CA PRO A 363 -20.18 -10.11 10.12
C PRO A 363 -20.30 -10.86 8.81
N ASP A 364 -21.20 -11.84 8.79
CA ASP A 364 -21.32 -12.73 7.64
C ASP A 364 -21.59 -11.94 6.37
N ALA A 365 -22.33 -10.84 6.48
CA ALA A 365 -22.75 -10.09 5.30
C ALA A 365 -21.59 -9.68 4.43
N ILE A 366 -20.36 -9.69 4.95
CA ILE A 366 -19.21 -9.15 4.24
C ILE A 366 -18.44 -10.24 3.50
N CYS A 367 -18.86 -11.50 3.62
CA CYS A 367 -18.18 -12.60 2.91
C CYS A 367 -19.00 -13.03 1.71
N MET A 368 -19.78 -12.13 1.14
CA MET A 368 -20.78 -12.49 0.16
C MET A 368 -20.37 -12.02 -1.22
N ILE A 369 -20.47 -12.92 -2.18
CA ILE A 369 -20.15 -12.65 -3.58
C ILE A 369 -21.40 -12.12 -4.25
N HIS A 370 -21.24 -11.45 -5.39
CA HIS A 370 -22.37 -11.10 -6.23
C HIS A 370 -22.77 -12.30 -7.06
N VAL A 371 -24.07 -12.43 -7.30
CA VAL A 371 -24.61 -13.65 -7.90
C VAL A 371 -24.13 -13.81 -9.33
N GLU A 372 -24.23 -12.75 -10.12
CA GLU A 372 -23.87 -12.83 -11.54
C GLU A 372 -22.59 -12.10 -11.90
N ARG A 373 -22.19 -11.10 -11.13
CA ARG A 373 -20.98 -10.34 -11.42
C ARG A 373 -19.75 -10.86 -10.69
N PHE A 374 -19.95 -11.59 -9.59
CA PHE A 374 -18.88 -12.25 -8.84
C PHE A 374 -17.87 -11.25 -8.30
N THR A 375 -18.36 -10.31 -7.50
CA THR A 375 -17.51 -9.30 -6.88
C THR A 375 -18.04 -9.00 -5.50
N PRO A 376 -17.16 -8.84 -4.51
CA PRO A 376 -17.62 -8.84 -3.12
C PRO A 376 -18.40 -7.60 -2.78
N VAL A 377 -19.63 -7.48 -3.25
CA VAL A 377 -20.32 -6.20 -3.17
C VAL A 377 -20.41 -5.68 -1.74
N PRO A 378 -20.81 -6.45 -0.74
CA PRO A 378 -20.90 -5.85 0.60
C PRO A 378 -19.56 -5.45 1.18
N SER A 379 -18.49 -6.18 0.87
CA SER A 379 -17.18 -5.77 1.37
C SER A 379 -16.75 -4.46 0.74
N LEU A 380 -17.02 -4.29 -0.55
CA LEU A 380 -16.66 -3.05 -1.22
C LEU A 380 -17.49 -1.88 -0.72
N LEU A 381 -18.79 -2.09 -0.52
CA LEU A 381 -19.61 -1.03 0.04
C LEU A 381 -19.11 -0.65 1.42
N PHE A 382 -18.70 -1.63 2.22
CA PHE A 382 -18.20 -1.33 3.55
C PHE A 382 -16.91 -0.54 3.50
N ASN A 383 -15.98 -0.94 2.64
CA ASN A 383 -14.73 -0.19 2.55
C ASN A 383 -14.95 1.21 2.03
N GLY A 384 -15.85 1.39 1.07
CA GLY A 384 -16.17 2.72 0.60
C GLY A 384 -16.82 3.57 1.68
N ILE A 385 -17.70 2.97 2.48
CA ILE A 385 -18.28 3.69 3.60
C ILE A 385 -17.18 4.17 4.53
N MET A 386 -16.23 3.30 4.84
CA MET A 386 -15.19 3.67 5.79
C MET A 386 -14.31 4.79 5.23
N ALA A 387 -13.92 4.69 3.96
CA ALA A 387 -13.08 5.73 3.38
C ALA A 387 -13.80 7.06 3.31
N LEU A 388 -15.10 7.05 2.99
CA LEU A 388 -15.84 8.31 2.93
C LEU A 388 -16.04 8.90 4.32
N ILE A 389 -16.26 8.07 5.33
CA ILE A 389 -16.29 8.58 6.69
C ILE A 389 -14.97 9.25 7.04
N TYR A 390 -13.86 8.65 6.63
CA TYR A 390 -12.56 9.26 6.89
C TYR A 390 -12.22 10.38 5.93
N LEU A 391 -13.13 10.74 5.03
CA LEU A 391 -12.95 11.99 4.29
C LEU A 391 -13.45 13.18 5.09
N CYS A 392 -14.23 12.95 6.14
CA CYS A 392 -14.76 14.06 6.93
C CYS A 392 -13.73 14.58 7.92
N VAL A 393 -12.72 13.80 8.22
CA VAL A 393 -11.67 14.23 9.13
C VAL A 393 -10.81 15.29 8.45
N GLU A 394 -10.38 16.28 9.23
CA GLU A 394 -9.57 17.39 8.73
C GLU A 394 -8.07 17.10 8.78
N ASP A 395 -7.57 16.62 9.90
CA ASP A 395 -6.16 16.25 10.01
C ASP A 395 -5.98 14.76 9.80
N ILE A 396 -6.09 14.32 8.55
CA ILE A 396 -5.97 12.90 8.24
C ILE A 396 -4.50 12.53 8.03
N PHE A 397 -3.75 13.41 7.36
CA PHE A 397 -2.32 13.23 7.24
C PHE A 397 -1.65 13.20 8.61
N GLN A 398 -2.36 13.65 9.65
CA GLN A 398 -1.89 13.45 11.01
C GLN A 398 -2.26 12.07 11.52
N LEU A 399 -3.33 11.47 11.00
CA LEU A 399 -3.67 10.10 11.35
C LEU A 399 -2.69 9.10 10.77
N ILE A 400 -1.89 9.51 9.79
CA ILE A 400 -0.88 8.64 9.19
C ILE A 400 -0.04 7.84 10.18
N ASN A 401 0.46 8.47 11.23
CA ASN A 401 1.60 7.89 11.95
C ASN A 401 1.22 6.75 12.90
N TYR A 402 0.06 6.84 13.56
CA TYR A 402 -0.42 5.72 14.37
C TYR A 402 -0.36 4.42 13.58
N TYR A 403 -1.11 4.39 12.49
CA TYR A 403 -1.12 3.21 11.66
C TYR A 403 0.22 2.97 11.00
N SER A 404 1.10 3.96 10.89
CA SER A 404 2.45 3.67 10.39
C SER A 404 3.15 2.65 11.27
N PHE A 405 3.25 2.95 12.56
CA PHE A 405 3.87 1.98 13.46
C PHE A 405 3.13 0.64 13.43
N SER A 406 1.80 0.68 13.54
CA SER A 406 1.06 -0.58 13.61
C SER A 406 1.22 -1.40 12.33
N TYR A 407 1.27 -0.73 11.19
CA TYR A 407 1.39 -1.44 9.92
C TYR A 407 2.69 -2.20 9.84
N TRP A 408 3.79 -1.54 10.17
CA TRP A 408 5.03 -2.30 10.09
C TRP A 408 5.10 -3.38 11.16
N PHE A 409 4.42 -3.15 12.30
CA PHE A 409 4.34 -4.22 13.28
C PHE A 409 3.70 -5.45 12.69
N PHE A 410 2.59 -5.29 11.97
CA PHE A 410 1.84 -6.45 11.48
C PHE A 410 2.59 -7.15 10.35
N VAL A 411 3.29 -6.41 9.50
CA VAL A 411 4.13 -7.09 8.53
C VAL A 411 5.20 -7.91 9.24
N GLY A 412 5.76 -7.36 10.33
CA GLY A 412 6.72 -8.12 11.09
C GLY A 412 6.14 -9.35 11.72
N LEU A 413 4.92 -9.25 12.25
CA LEU A 413 4.29 -10.41 12.86
C LEU A 413 4.00 -11.48 11.83
N SER A 414 3.71 -11.08 10.59
CA SER A 414 3.53 -12.05 9.52
C SER A 414 4.83 -12.77 9.18
N ILE A 415 5.95 -12.04 9.19
CA ILE A 415 7.23 -12.72 8.95
C ILE A 415 7.55 -13.68 10.10
N VAL A 416 7.33 -13.23 11.33
CA VAL A 416 7.54 -14.09 12.49
C VAL A 416 6.69 -15.34 12.38
N GLY A 417 5.46 -15.19 11.89
CA GLY A 417 4.62 -16.36 11.65
C GLY A 417 5.16 -17.27 10.57
N GLN A 418 5.79 -16.70 9.55
CA GLN A 418 6.43 -17.55 8.55
C GLN A 418 7.53 -18.40 9.18
N LEU A 419 8.33 -17.80 10.06
CA LEU A 419 9.35 -18.61 10.72
C LEU A 419 8.73 -19.64 11.65
N TYR A 420 7.66 -19.26 12.36
CA TYR A 420 6.96 -20.21 13.19
C TYR A 420 6.50 -21.41 12.38
N LEU A 421 6.04 -21.17 11.15
CA LEU A 421 5.60 -22.26 10.28
C LEU A 421 6.76 -23.07 9.74
N ARG A 422 7.88 -22.41 9.46
CA ARG A 422 9.07 -23.13 9.03
C ARG A 422 9.54 -24.08 10.13
N TRP A 423 9.34 -23.68 11.38
CA TRP A 423 9.77 -24.52 12.50
C TRP A 423 8.74 -25.62 12.78
N LYS A 424 7.47 -25.25 12.93
CA LYS A 424 6.47 -26.19 13.41
C LYS A 424 6.06 -27.19 12.33
N GLU A 425 5.80 -26.71 11.12
CA GLU A 425 5.31 -27.55 10.02
C GLU A 425 6.29 -27.54 8.87
N PRO A 426 7.42 -28.22 9.00
CA PRO A 426 8.35 -28.29 7.87
C PRO A 426 8.00 -29.40 6.90
N ASP A 427 6.70 -29.56 6.66
CA ASP A 427 6.22 -30.56 5.71
C ASP A 427 5.04 -30.08 4.87
N ARG A 428 4.53 -28.87 5.12
CA ARG A 428 3.48 -28.33 4.28
C ARG A 428 4.04 -28.11 2.88
N PRO A 429 3.25 -28.41 1.84
CA PRO A 429 3.76 -28.21 0.47
C PRO A 429 4.04 -26.74 0.18
N ARG A 430 5.31 -26.40 0.03
CA ARG A 430 5.74 -25.05 -0.30
C ARG A 430 6.36 -25.07 -1.69
N PRO A 431 5.64 -24.64 -2.72
CA PRO A 431 6.19 -24.72 -4.08
C PRO A 431 7.42 -23.86 -4.28
N LEU A 432 7.46 -22.68 -3.69
CA LEU A 432 8.61 -21.78 -3.76
C LEU A 432 9.11 -21.58 -2.34
N LYS A 433 10.10 -22.36 -1.94
CA LYS A 433 10.73 -22.26 -0.64
C LYS A 433 12.17 -21.81 -0.86
N LEU A 434 12.43 -20.53 -0.61
CA LEU A 434 13.73 -19.96 -0.98
C LEU A 434 14.81 -20.36 0.00
N SER A 435 14.68 -19.95 1.25
CA SER A 435 15.69 -20.16 2.28
C SER A 435 15.12 -19.59 3.56
N VAL A 436 15.93 -19.65 4.62
CA VAL A 436 15.59 -18.93 5.84
C VAL A 436 16.26 -17.57 5.89
N PHE A 437 17.24 -17.33 5.02
CA PHE A 437 17.99 -16.08 5.09
C PHE A 437 17.08 -14.88 4.87
N PHE A 438 16.17 -14.97 3.91
CA PHE A 438 15.27 -13.84 3.66
C PHE A 438 14.29 -13.61 4.80
N PRO A 439 13.60 -14.60 5.33
CA PRO A 439 12.79 -14.35 6.54
C PRO A 439 13.59 -13.77 7.67
N ILE A 440 14.83 -14.22 7.90
CA ILE A 440 15.60 -13.68 9.01
C ILE A 440 15.95 -12.22 8.76
N VAL A 441 16.49 -11.91 7.59
CA VAL A 441 16.95 -10.54 7.36
C VAL A 441 15.76 -9.58 7.35
N PHE A 442 14.64 -9.98 6.78
CA PHE A 442 13.54 -9.04 6.81
C PHE A 442 12.81 -9.03 8.13
N CYS A 443 12.92 -10.07 8.95
CA CYS A 443 12.45 -9.92 10.33
C CYS A 443 13.29 -8.89 11.07
N LEU A 444 14.61 -8.91 10.86
CA LEU A 444 15.45 -7.87 11.45
C LEU A 444 15.06 -6.49 10.95
N CYS A 445 14.87 -6.36 9.64
CA CYS A 445 14.51 -5.06 9.08
C CYS A 445 13.15 -4.60 9.60
N THR A 446 12.25 -5.54 9.88
CA THR A 446 10.98 -5.15 10.48
C THR A 446 11.16 -4.71 11.93
N ILE A 447 12.04 -5.37 12.68
CA ILE A 447 12.34 -4.90 14.04
C ILE A 447 12.86 -3.47 13.99
N PHE A 448 13.70 -3.17 13.01
CA PHE A 448 14.21 -1.82 12.86
C PHE A 448 13.11 -0.83 12.52
N LEU A 449 12.26 -1.17 11.55
CA LEU A 449 11.18 -0.29 11.12
C LEU A 449 10.08 -0.17 12.15
N VAL A 450 10.05 -1.04 13.15
CA VAL A 450 9.14 -0.88 14.27
C VAL A 450 9.78 -0.11 15.41
N ALA A 451 11.09 -0.25 15.62
CA ALA A 451 11.73 0.50 16.70
C ALA A 451 11.82 1.97 16.36
N VAL A 452 12.10 2.30 15.10
CA VAL A 452 12.28 3.71 14.73
C VAL A 452 11.08 4.58 15.11
N PRO A 453 9.84 4.21 14.79
CA PRO A 453 8.70 5.04 15.22
C PRO A 453 8.24 4.77 16.64
N LEU A 454 8.96 3.97 17.40
CA LEU A 454 8.61 3.76 18.79
C LEU A 454 9.43 4.60 19.74
N TYR A 455 10.63 5.03 19.36
CA TYR A 455 11.37 6.01 20.14
C TYR A 455 11.36 7.40 19.53
N SER A 456 11.11 7.53 18.23
CA SER A 456 11.06 8.86 17.62
C SER A 456 9.86 9.64 18.10
N ASP A 457 8.65 9.13 17.83
CA ASP A 457 7.41 9.69 18.38
C ASP A 457 6.65 8.52 18.99
N THR A 458 6.65 8.49 20.33
CA THR A 458 6.17 7.31 21.03
C THR A 458 4.70 7.44 21.41
N ILE A 459 4.22 8.65 21.65
CA ILE A 459 2.83 8.77 22.09
C ILE A 459 1.87 8.41 20.95
N ASN A 460 2.26 8.68 19.70
CA ASN A 460 1.42 8.27 18.58
C ASN A 460 1.34 6.75 18.49
N SER A 461 2.49 6.07 18.52
CA SER A 461 2.48 4.62 18.44
C SER A 461 1.74 4.02 19.63
N LEU A 462 1.76 4.71 20.77
CA LEU A 462 0.97 4.25 21.90
C LEU A 462 -0.52 4.39 21.61
N ILE A 463 -0.93 5.44 20.91
CA ILE A 463 -2.35 5.52 20.57
C ILE A 463 -2.70 4.49 19.49
N GLY A 464 -1.73 4.08 18.68
CA GLY A 464 -1.99 2.98 17.75
C GLY A 464 -2.23 1.66 18.48
N ILE A 465 -1.35 1.34 19.42
CA ILE A 465 -1.61 0.19 20.30
C ILE A 465 -2.94 0.36 21.00
N ALA A 466 -3.35 1.59 21.28
CA ALA A 466 -4.67 1.82 21.88
C ALA A 466 -5.77 1.46 20.89
N ILE A 467 -5.55 1.70 19.61
CA ILE A 467 -6.54 1.30 18.60
C ILE A 467 -6.71 -0.21 18.59
N ALA A 468 -5.60 -0.94 18.57
CA ALA A 468 -5.69 -2.40 18.62
C ALA A 468 -6.37 -2.88 19.91
N LEU A 469 -5.99 -2.30 21.05
CA LEU A 469 -6.65 -2.65 22.30
C LEU A 469 -8.14 -2.36 22.25
N SER A 470 -8.53 -1.27 21.58
CA SER A 470 -9.95 -0.98 21.43
C SER A 470 -10.64 -2.03 20.59
N GLY A 471 -9.92 -2.65 19.67
CA GLY A 471 -10.48 -3.77 18.94
C GLY A 471 -10.70 -5.00 19.81
N LEU A 472 -9.84 -5.19 20.81
CA LEU A 472 -9.88 -6.38 21.66
C LEU A 472 -11.27 -6.80 22.16
N PRO A 473 -12.11 -5.91 22.73
CA PRO A 473 -13.34 -6.40 23.36
C PRO A 473 -14.28 -7.12 22.42
N PHE A 474 -14.37 -6.72 21.16
CA PHE A 474 -15.22 -7.43 20.22
C PHE A 474 -14.75 -8.88 20.04
N TYR A 475 -13.45 -9.10 20.10
CA TYR A 475 -12.95 -10.46 19.96
C TYR A 475 -13.18 -11.27 21.23
N PHE A 476 -12.98 -10.65 22.38
CA PHE A 476 -13.14 -11.41 23.62
C PHE A 476 -14.58 -11.49 24.08
N LEU A 477 -15.52 -10.86 23.37
CA LEU A 477 -16.90 -10.84 23.82
C LEU A 477 -17.92 -11.19 22.73
N ILE A 478 -17.57 -11.06 21.45
CA ILE A 478 -18.52 -11.35 20.38
C ILE A 478 -18.00 -12.48 19.51
N ILE A 479 -16.72 -12.43 19.16
CA ILE A 479 -16.17 -13.42 18.25
C ILE A 479 -16.05 -14.78 18.93
N ARG A 480 -15.43 -14.81 20.11
CA ARG A 480 -15.14 -16.05 20.80
C ARG A 480 -16.38 -16.70 21.40
N VAL A 481 -17.52 -16.02 21.34
CA VAL A 481 -18.80 -16.63 21.68
C VAL A 481 -19.16 -17.63 20.61
N PRO A 482 -19.54 -18.86 20.95
CA PRO A 482 -19.79 -19.87 19.91
C PRO A 482 -21.18 -19.78 19.30
N GLU A 483 -21.62 -18.55 18.97
CA GLU A 483 -22.78 -18.30 18.14
C GLU A 483 -24.09 -18.72 18.83
N HIS A 484 -24.00 -19.38 19.98
CA HIS A 484 -25.19 -19.91 20.65
C HIS A 484 -25.28 -19.34 22.07
N LYS A 485 -24.82 -18.10 22.19
CA LYS A 485 -24.91 -17.39 23.46
C LYS A 485 -25.38 -15.96 23.25
N ARG A 486 -25.45 -15.53 21.99
CA ARG A 486 -25.81 -14.17 21.69
C ARG A 486 -27.33 -14.00 21.67
N PRO A 487 -27.82 -12.85 22.11
CA PRO A 487 -29.27 -12.60 22.16
C PRO A 487 -29.89 -12.39 20.79
N LEU A 488 -31.14 -11.94 20.75
CA LEU A 488 -31.83 -11.62 19.51
C LEU A 488 -31.11 -10.56 18.69
N TYR A 489 -30.02 -10.00 19.21
CA TYR A 489 -29.05 -9.33 18.36
C TYR A 489 -28.68 -10.19 17.16
N LEU A 490 -28.61 -11.51 17.34
CA LEU A 490 -28.46 -12.40 16.20
C LEU A 490 -29.62 -12.24 15.21
N ARG A 491 -30.85 -12.12 15.71
CA ARG A 491 -31.98 -11.95 14.81
C ARG A 491 -31.88 -10.64 14.03
N ARG A 492 -31.50 -9.56 14.72
CA ARG A 492 -31.27 -8.31 14.01
C ARG A 492 -30.17 -8.46 12.96
N ILE A 493 -29.10 -9.17 13.32
CA ILE A 493 -27.98 -9.35 12.40
C ILE A 493 -28.44 -10.09 11.15
N VAL A 494 -29.20 -11.17 11.34
CA VAL A 494 -29.71 -11.93 10.20
C VAL A 494 -30.70 -11.12 9.36
N GLY A 495 -31.56 -10.32 9.99
CA GLY A 495 -32.43 -9.46 9.21
C GLY A 495 -31.65 -8.50 8.35
N SER A 496 -30.64 -7.86 8.92
CA SER A 496 -29.82 -6.93 8.16
C SER A 496 -29.05 -7.66 7.06
N ALA A 497 -28.55 -8.86 7.37
CA ALA A 497 -27.78 -9.61 6.39
C ALA A 497 -28.66 -10.04 5.22
N THR A 498 -29.94 -10.32 5.48
CA THR A 498 -30.83 -10.60 4.37
C THR A 498 -31.12 -9.36 3.55
N ARG A 499 -31.41 -8.25 4.23
CA ARG A 499 -31.61 -6.99 3.50
C ARG A 499 -30.41 -6.67 2.63
N TYR A 500 -29.21 -7.01 3.08
CA TYR A 500 -28.03 -6.71 2.27
C TYR A 500 -27.69 -7.85 1.32
N LEU A 501 -28.31 -9.02 1.52
CA LEU A 501 -28.31 -10.06 0.51
C LEU A 501 -29.10 -9.52 -0.67
N GLN A 502 -30.04 -8.63 -0.37
CA GLN A 502 -30.74 -7.93 -1.44
C GLN A 502 -29.89 -6.79 -1.97
N VAL A 503 -28.63 -7.10 -2.27
CA VAL A 503 -27.80 -6.28 -3.16
C VAL A 503 -27.12 -7.11 -4.22
N LEU A 504 -27.16 -8.44 -4.10
CA LEU A 504 -26.61 -9.34 -5.11
C LEU A 504 -27.62 -9.66 -6.21
N CYS A 505 -28.88 -9.88 -5.84
CA CYS A 505 -29.90 -10.20 -6.82
C CYS A 505 -30.09 -9.06 -7.81
#